data_9F9G
#
_entry.id   9F9G
#
_cell.length_a   62.320
_cell.length_b   62.320
_cell.length_c   111.100
_cell.angle_alpha   90.00
_cell.angle_beta   90.00
_cell.angle_gamma   120.00
#
_symmetry.space_group_name_H-M   'P 63'
#
loop_
_entity.id
_entity.type
_entity.pdbx_description
1 polymer Bacteriorhodopsin
2 non-polymer 1-[2,6,10.14-TETRAMETHYL-HEXADECAN-16-YL]-2-[2,10,14-TRIMETHYLHEXADECAN-16-YL]GLYCEROL
3 non-polymer '(2R)-2,3-dihydroxypropyl (9Z)-octadec-9-enoate'
4 non-polymer RETINAL
5 water water
#
_entity_poly.entity_id   1
_entity_poly.type   'polypeptide(L)'
_entity_poly.pdbx_seq_one_letter_code
;ITGRPEWIWLALGTALMGLGTLYFLVKGMGVSDPDAKKFYAITTLVPAIAFTMYLSMLLGYGLTMVPFGGEQNPIYWARY
ADWLFTTPLLLLDLALLVDADQGTILALVGADGIMIGTGLVGALTKVYSYRFVWWAISTAAMLYILYVLFFGFTSKAESM
RPEVASTFKVLRNVTVVLWSAYPVVWLIGSEGAGIVPLNIETLLFMVLDVSAKVGFGLILLRSRAIFGEAE
;
_entity_poly.pdbx_strand_id   A
#
loop_
_chem_comp.id
_chem_comp.type
_chem_comp.name
_chem_comp.formula
LI1 non-polymer 1-[2,6,10.14-TETRAMETHYL-HEXADECAN-16-YL]-2-[2,10,14-TRIMETHYLHEXADECAN-16-YL]GLYCEROL 'C42 H86 O3'
OLC non-polymer '(2R)-2,3-dihydroxypropyl (9Z)-octadec-9-enoate' 'C21 H40 O4'
RET non-polymer RETINAL 'C20 H28 O'
#
# COMPACT_ATOMS: atom_id res chain seq x y z
N ILE A 1 0.88 15.94 -21.12
CA ILE A 1 0.56 15.35 -19.83
C ILE A 1 -0.45 16.23 -19.08
N THR A 2 -0.31 17.54 -19.23
CA THR A 2 -1.19 18.48 -18.56
C THR A 2 -2.60 18.48 -19.14
N GLY A 3 -2.89 17.68 -20.15
CA GLY A 3 -4.22 17.63 -20.70
C GLY A 3 -5.23 16.92 -19.81
N ARG A 4 -4.77 16.14 -18.85
CA ARG A 4 -5.65 15.39 -17.96
C ARG A 4 -5.72 16.15 -16.64
N PRO A 5 -6.92 16.42 -16.11
CA PRO A 5 -7.00 17.23 -14.89
C PRO A 5 -6.33 16.66 -13.71
N GLU A 6 -6.24 15.32 -13.61
CA GLU A 6 -5.61 14.68 -12.44
C GLU A 6 -4.10 14.74 -12.46
N TRP A 7 -3.48 15.39 -13.49
CA TRP A 7 -2.03 15.40 -13.60
C TRP A 7 -1.38 16.00 -12.36
N ILE A 8 -2.03 17.06 -11.77
CA ILE A 8 -1.33 17.72 -10.68
C ILE A 8 -1.15 16.75 -9.51
N TRP A 9 -2.09 15.87 -9.27
CA TRP A 9 -1.94 14.96 -8.14
C TRP A 9 -0.96 13.86 -8.44
N LEU A 10 -0.87 13.44 -9.70
CA LEU A 10 0.19 12.49 -10.08
C LEU A 10 1.55 13.12 -9.95
N ALA A 11 1.70 14.40 -10.29
CA ALA A 11 2.99 15.03 -10.18
C ALA A 11 3.35 15.16 -8.68
N LEU A 12 2.38 15.61 -7.84
N LEU A 12 2.39 15.59 -7.83
CA LEU A 12 2.70 15.76 -6.43
CA LEU A 12 2.72 15.73 -6.42
C LEU A 12 3.02 14.42 -5.80
C LEU A 12 3.04 14.38 -5.82
N GLY A 13 2.30 13.35 -6.20
CA GLY A 13 2.62 12.02 -5.73
C GLY A 13 4.02 11.59 -6.10
N THR A 14 4.40 11.81 -7.33
CA THR A 14 5.75 11.48 -7.80
C THR A 14 6.76 12.16 -6.95
N ALA A 15 6.60 13.50 -6.76
CA ALA A 15 7.58 14.25 -5.98
C ALA A 15 7.67 13.71 -4.57
N LEU A 16 6.54 13.47 -3.91
CA LEU A 16 6.60 13.08 -2.49
C LEU A 16 7.20 11.69 -2.35
N MET A 17 6.88 10.79 -3.27
CA MET A 17 7.52 9.46 -3.18
C MET A 17 9.00 9.54 -3.45
N GLY A 18 9.39 10.39 -4.35
CA GLY A 18 10.84 10.61 -4.64
C GLY A 18 11.57 11.14 -3.42
N LEU A 19 11.04 12.22 -2.83
CA LEU A 19 11.64 12.83 -1.63
C LEU A 19 11.66 11.83 -0.49
N GLY A 20 10.58 11.08 -0.26
CA GLY A 20 10.58 10.05 0.80
C GLY A 20 11.65 9.00 0.58
N THR A 21 11.81 8.54 -0.67
CA THR A 21 12.89 7.57 -0.98
C THR A 21 14.27 8.12 -0.61
N LEU A 22 14.58 9.37 -1.02
CA LEU A 22 15.92 9.94 -0.78
C LEU A 22 16.10 10.15 0.70
N TYR A 23 15.07 10.57 1.43
CA TYR A 23 15.26 10.74 2.87
C TYR A 23 15.62 9.42 3.53
N PHE A 24 14.86 8.33 3.22
CA PHE A 24 15.12 7.07 3.92
C PHE A 24 16.45 6.49 3.49
N LEU A 25 16.82 6.71 2.23
CA LEU A 25 18.15 6.26 1.79
C LEU A 25 19.29 6.96 2.55
N VAL A 26 19.22 8.27 2.72
CA VAL A 26 20.28 8.97 3.45
C VAL A 26 20.29 8.53 4.91
N LYS A 27 19.08 8.43 5.53
CA LYS A 27 18.97 8.05 6.93
C LYS A 27 19.58 6.68 7.20
N GLY A 28 19.41 5.74 6.25
CA GLY A 28 19.91 4.40 6.49
C GLY A 28 21.37 4.23 6.20
N MET A 29 22.04 5.29 5.70
CA MET A 29 23.49 5.30 5.57
C MET A 29 24.17 5.06 6.89
N GLY A 30 25.07 4.11 6.91
CA GLY A 30 25.85 3.88 8.06
C GLY A 30 25.21 3.00 9.09
N VAL A 31 23.90 2.77 9.01
CA VAL A 31 23.33 1.81 9.95
C VAL A 31 24.04 0.49 9.74
N SER A 32 24.55 -0.09 10.83
CA SER A 32 25.25 -1.36 10.71
C SER A 32 24.56 -2.52 11.41
N ASP A 33 23.53 -2.26 12.23
CA ASP A 33 22.88 -3.36 12.97
C ASP A 33 22.10 -4.23 11.96
N PRO A 34 22.30 -5.54 11.95
CA PRO A 34 21.65 -6.36 10.91
C PRO A 34 20.13 -6.30 10.95
N ASP A 35 19.52 -6.23 12.13
CA ASP A 35 18.07 -6.17 12.18
C ASP A 35 17.58 -4.84 11.63
N ALA A 36 18.23 -3.73 12.03
CA ALA A 36 17.85 -2.43 11.49
C ALA A 36 18.00 -2.37 9.98
N LYS A 37 19.10 -2.97 9.46
CA LYS A 37 19.26 -2.97 7.98
C LYS A 37 18.09 -3.59 7.25
N LYS A 38 17.51 -4.68 7.77
CA LYS A 38 16.36 -5.29 7.12
C LYS A 38 15.23 -4.31 7.06
N PHE A 39 14.90 -3.62 8.17
CA PHE A 39 13.79 -2.68 8.12
C PHE A 39 14.08 -1.50 7.21
N TYR A 40 15.28 -0.95 7.20
CA TYR A 40 15.61 0.13 6.26
C TYR A 40 15.46 -0.34 4.82
N ALA A 41 15.95 -1.58 4.49
CA ALA A 41 15.82 -2.03 3.07
C ALA A 41 14.40 -2.14 2.66
N ILE A 42 13.56 -2.80 3.47
CA ILE A 42 12.15 -3.00 3.10
C ILE A 42 11.48 -1.65 2.96
N THR A 43 11.71 -0.76 3.91
CA THR A 43 10.97 0.49 4.05
C THR A 43 11.38 1.48 3.00
N THR A 44 12.65 1.43 2.53
CA THR A 44 13.11 2.35 1.49
C THR A 44 12.62 1.88 0.11
N LEU A 45 12.56 0.57 -0.13
N LEU A 45 12.54 0.58 -0.11
CA LEU A 45 12.08 0.02 -1.38
CA LEU A 45 12.09 0.04 -1.39
C LEU A 45 10.67 0.45 -1.63
C LEU A 45 10.61 0.32 -1.63
N VAL A 46 9.80 0.56 -0.61
CA VAL A 46 8.39 0.81 -0.84
C VAL A 46 8.18 2.16 -1.49
N PRO A 47 8.64 3.30 -1.09
CA PRO A 47 8.42 4.52 -1.88
C PRO A 47 9.24 4.57 -3.15
N ALA A 48 10.32 3.80 -3.27
CA ALA A 48 11.07 3.79 -4.54
C ALA A 48 10.23 3.13 -5.64
N ILE A 49 9.55 2.02 -5.33
CA ILE A 49 8.69 1.37 -6.38
C ILE A 49 7.51 2.30 -6.60
N ALA A 50 6.95 2.89 -5.58
CA ALA A 50 5.81 3.82 -5.85
C ALA A 50 6.23 5.01 -6.65
N PHE A 51 7.40 5.56 -6.44
CA PHE A 51 7.89 6.65 -7.31
C PHE A 51 7.86 6.23 -8.76
N THR A 52 8.40 5.04 -9.10
CA THR A 52 8.42 4.64 -10.53
C THR A 52 7.02 4.54 -11.08
N MET A 53 6.02 4.00 -10.34
CA MET A 53 4.71 3.84 -10.87
C MET A 53 3.98 5.12 -10.94
N TYR A 54 4.12 6.02 -9.96
CA TYR A 54 3.54 7.36 -10.12
C TYR A 54 4.14 8.00 -11.34
N LEU A 55 5.43 7.91 -11.58
CA LEU A 55 5.97 8.58 -12.77
C LEU A 55 5.35 7.94 -14.02
N SER A 56 5.15 6.62 -14.06
CA SER A 56 4.55 6.03 -15.24
C SER A 56 3.14 6.49 -15.48
N MET A 57 2.38 6.82 -14.42
CA MET A 57 1.03 7.37 -14.62
C MET A 57 1.11 8.82 -15.06
N LEU A 58 2.01 9.63 -14.52
CA LEU A 58 2.18 11.03 -14.96
C LEU A 58 2.47 11.07 -16.42
N LEU A 59 3.39 10.19 -16.92
CA LEU A 59 3.79 10.30 -18.35
C LEU A 59 2.80 9.60 -19.26
N GLY A 60 1.82 8.88 -18.73
CA GLY A 60 0.77 8.30 -19.56
C GLY A 60 0.98 6.84 -19.86
N TYR A 61 2.11 6.24 -19.45
CA TYR A 61 2.33 4.83 -19.77
C TYR A 61 1.44 3.94 -18.96
N GLY A 62 1.17 4.30 -17.78
CA GLY A 62 0.47 3.42 -16.79
C GLY A 62 -1.04 3.58 -16.88
N LEU A 63 -1.59 4.09 -18.03
CA LEU A 63 -3.04 4.29 -18.22
C LEU A 63 -3.48 3.44 -19.37
N THR A 64 -4.66 2.80 -19.28
CA THR A 64 -5.29 2.16 -20.43
C THR A 64 -6.77 2.53 -20.47
N MET A 65 -7.46 2.26 -21.57
CA MET A 65 -8.91 2.53 -21.64
C MET A 65 -9.65 1.20 -21.63
N VAL A 66 -10.65 1.06 -20.78
CA VAL A 66 -11.40 -0.20 -20.65
C VAL A 66 -12.83 0.15 -21.00
N PRO A 67 -13.47 -0.55 -21.95
CA PRO A 67 -14.85 -0.28 -22.29
C PRO A 67 -15.75 -0.99 -21.28
N PHE A 68 -16.58 -0.23 -20.58
CA PHE A 68 -17.68 -0.82 -19.81
C PHE A 68 -18.74 0.27 -19.68
N GLY A 69 -19.98 -0.16 -19.48
CA GLY A 69 -21.04 0.82 -19.40
C GLY A 69 -21.16 1.70 -20.61
N GLY A 70 -20.77 1.20 -21.78
CA GLY A 70 -20.98 1.96 -22.98
C GLY A 70 -20.04 3.11 -23.17
N GLU A 71 -19.00 3.20 -22.36
CA GLU A 71 -18.02 4.28 -22.45
C GLU A 71 -16.65 3.65 -22.56
N GLN A 72 -15.67 4.47 -23.00
CA GLN A 72 -14.26 4.09 -22.80
C GLN A 72 -13.74 4.72 -21.51
N ASN A 73 -13.40 3.89 -20.55
CA ASN A 73 -13.10 4.47 -19.27
C ASN A 73 -11.59 4.44 -19.01
N PRO A 74 -10.99 5.50 -18.45
CA PRO A 74 -9.56 5.52 -18.19
C PRO A 74 -9.24 4.77 -16.92
N ILE A 75 -8.44 3.70 -17.03
CA ILE A 75 -8.06 2.93 -15.87
C ILE A 75 -6.57 2.98 -15.72
N TYR A 76 -6.12 3.50 -14.59
CA TYR A 76 -4.68 3.52 -14.27
C TYR A 76 -4.25 2.17 -13.73
N TRP A 77 -3.73 1.31 -14.62
CA TRP A 77 -3.38 -0.04 -14.18
C TRP A 77 -2.10 -0.05 -13.43
N ALA A 78 -1.25 1.04 -13.55
CA ALA A 78 0.02 0.97 -12.84
C ALA A 78 -0.13 0.95 -11.36
N ARG A 79 -1.27 1.38 -10.84
CA ARG A 79 -1.53 1.29 -9.38
C ARG A 79 -1.36 -0.16 -8.93
N TYR A 80 -1.84 -1.13 -9.71
CA TYR A 80 -1.79 -2.52 -9.24
C TYR A 80 -0.41 -3.07 -9.33
N ALA A 81 0.43 -2.61 -10.31
CA ALA A 81 1.80 -3.11 -10.34
C ALA A 81 2.58 -2.55 -9.12
N ASP A 82 2.30 -1.34 -8.70
CA ASP A 82 2.90 -0.84 -7.47
C ASP A 82 2.44 -1.67 -6.29
N TRP A 83 1.14 -1.82 -6.14
CA TRP A 83 0.67 -2.40 -4.89
C TRP A 83 0.97 -3.90 -4.81
N LEU A 84 1.11 -4.64 -5.98
CA LEU A 84 1.55 -6.03 -5.95
C LEU A 84 2.85 -6.19 -5.17
N PHE A 85 3.81 -5.27 -5.33
CA PHE A 85 5.05 -5.41 -4.59
C PHE A 85 5.13 -4.60 -3.32
N THR A 86 4.42 -3.51 -3.23
CA THR A 86 4.61 -2.66 -2.04
C THR A 86 3.76 -3.13 -0.89
N THR A 87 2.59 -3.71 -1.12
CA THR A 87 1.70 -4.13 0.01
C THR A 87 2.32 -5.34 0.71
N PRO A 88 2.91 -6.37 0.05
CA PRO A 88 3.53 -7.42 0.84
C PRO A 88 4.76 -6.90 1.56
N LEU A 89 5.50 -5.92 1.01
CA LEU A 89 6.66 -5.37 1.77
C LEU A 89 6.18 -4.68 3.03
N LEU A 90 5.08 -3.96 2.98
CA LEU A 90 4.60 -3.32 4.20
C LEU A 90 4.17 -4.38 5.22
N LEU A 91 3.51 -5.43 4.81
CA LEU A 91 3.16 -6.51 5.69
C LEU A 91 4.38 -7.22 6.26
N LEU A 92 5.46 -7.34 5.49
CA LEU A 92 6.67 -7.96 6.00
C LEU A 92 7.30 -7.08 7.06
N ASP A 93 7.30 -5.77 6.94
CA ASP A 93 7.78 -4.92 8.04
C ASP A 93 7.01 -5.21 9.33
N LEU A 94 5.67 -5.30 9.28
CA LEU A 94 4.92 -5.64 10.46
C LEU A 94 5.25 -7.03 11.01
N ALA A 95 5.29 -8.05 10.16
CA ALA A 95 5.56 -9.39 10.61
C ALA A 95 6.95 -9.53 11.23
N LEU A 96 7.94 -8.82 10.69
CA LEU A 96 9.28 -8.96 11.26
C LEU A 96 9.37 -8.31 12.62
N LEU A 97 8.61 -7.27 12.82
CA LEU A 97 8.62 -6.55 14.06
C LEU A 97 8.14 -7.43 15.18
N VAL A 98 7.20 -8.32 14.91
CA VAL A 98 6.64 -9.21 15.93
C VAL A 98 7.22 -10.62 15.85
N ASP A 99 8.22 -10.84 15.01
CA ASP A 99 8.84 -12.15 14.83
C ASP A 99 7.78 -13.22 14.50
N ALA A 100 6.97 -12.92 13.54
CA ALA A 100 5.87 -13.81 13.16
C ALA A 100 6.45 -15.10 12.62
N ASP A 101 5.74 -16.21 12.88
CA ASP A 101 6.16 -17.49 12.32
C ASP A 101 6.02 -17.52 10.80
N GLN A 102 6.78 -18.43 10.16
CA GLN A 102 6.85 -18.41 8.71
C GLN A 102 5.51 -18.78 8.08
N GLY A 103 4.73 -19.66 8.71
CA GLY A 103 3.40 -19.99 8.14
C GLY A 103 2.46 -18.79 8.09
N THR A 104 2.49 -17.97 9.12
CA THR A 104 1.67 -16.78 9.13
C THR A 104 2.15 -15.78 8.09
N ILE A 105 3.45 -15.65 7.89
CA ILE A 105 3.94 -14.71 6.85
C ILE A 105 3.45 -15.17 5.50
N LEU A 106 3.57 -16.45 5.18
CA LEU A 106 3.10 -16.96 3.90
CA LEU A 106 3.08 -17.01 3.91
C LEU A 106 1.61 -16.74 3.73
N ALA A 107 0.80 -16.99 4.77
CA ALA A 107 -0.66 -16.73 4.64
C ALA A 107 -0.93 -15.26 4.36
N LEU A 108 -0.22 -14.33 4.97
CA LEU A 108 -0.46 -12.89 4.76
C LEU A 108 -0.04 -12.49 3.38
N VAL A 109 1.13 -12.91 2.94
CA VAL A 109 1.57 -12.52 1.60
C VAL A 109 0.71 -13.14 0.55
N GLY A 110 0.29 -14.41 0.71
CA GLY A 110 -0.55 -14.99 -0.30
C GLY A 110 -1.94 -14.37 -0.33
N ALA A 111 -2.54 -14.06 0.84
CA ALA A 111 -3.81 -13.36 0.79
C ALA A 111 -3.68 -11.96 0.15
N ASP A 112 -2.57 -11.28 0.39
CA ASP A 112 -2.32 -9.96 -0.21
C ASP A 112 -2.24 -10.11 -1.72
N GLY A 113 -1.50 -11.10 -2.23
CA GLY A 113 -1.45 -11.36 -3.68
C GLY A 113 -2.82 -11.54 -4.27
N ILE A 114 -3.66 -12.35 -3.63
CA ILE A 114 -5.03 -12.57 -4.08
C ILE A 114 -5.81 -11.25 -4.03
N MET A 115 -5.65 -10.42 -3.00
CA MET A 115 -6.35 -9.12 -2.94
C MET A 115 -5.95 -8.27 -4.11
N ILE A 116 -4.64 -8.10 -4.38
CA ILE A 116 -4.30 -7.18 -5.48
C ILE A 116 -4.61 -7.82 -6.83
N GLY A 117 -4.37 -9.10 -7.03
CA GLY A 117 -4.62 -9.72 -8.36
C GLY A 117 -6.09 -9.68 -8.70
N THR A 118 -6.98 -9.96 -7.75
CA THR A 118 -8.40 -9.90 -8.05
C THR A 118 -8.83 -8.43 -8.25
N GLY A 119 -8.26 -7.47 -7.52
CA GLY A 119 -8.52 -6.04 -7.78
C GLY A 119 -8.19 -5.66 -9.22
N LEU A 120 -7.02 -6.11 -9.74
CA LEU A 120 -6.66 -5.84 -11.12
C LEU A 120 -7.63 -6.48 -12.10
N VAL A 121 -8.02 -7.73 -11.89
CA VAL A 121 -9.02 -8.38 -12.77
C VAL A 121 -10.32 -7.61 -12.74
N GLY A 122 -10.72 -7.17 -11.60
CA GLY A 122 -11.91 -6.32 -11.52
C GLY A 122 -11.77 -5.00 -12.25
N ALA A 123 -10.61 -4.35 -12.18
CA ALA A 123 -10.41 -3.08 -12.85
C ALA A 123 -10.42 -3.22 -14.37
N LEU A 124 -10.04 -4.38 -14.91
CA LEU A 124 -9.97 -4.56 -16.34
C LEU A 124 -11.14 -5.38 -16.96
N THR A 125 -12.15 -5.73 -16.13
CA THR A 125 -13.29 -6.53 -16.60
C THR A 125 -14.31 -5.66 -17.37
N LYS A 126 -14.70 -6.11 -18.53
CA LYS A 126 -15.56 -5.33 -19.41
C LYS A 126 -17.04 -5.53 -19.16
N VAL A 127 -17.46 -6.54 -18.38
CA VAL A 127 -18.89 -6.71 -18.05
C VAL A 127 -19.10 -5.99 -16.70
N TYR A 128 -19.89 -4.94 -16.68
CA TYR A 128 -19.97 -4.04 -15.55
C TYR A 128 -20.30 -4.77 -14.26
N SER A 129 -21.37 -5.60 -14.26
N SER A 129 -21.35 -5.61 -14.25
CA SER A 129 -21.77 -6.24 -13.01
CA SER A 129 -21.74 -6.23 -12.98
C SER A 129 -20.70 -7.14 -12.43
C SER A 129 -20.65 -7.12 -12.42
N TYR A 130 -19.85 -7.73 -13.30
CA TYR A 130 -18.81 -8.64 -12.79
C TYR A 130 -17.66 -7.89 -12.13
N ARG A 131 -17.49 -6.59 -12.36
CA ARG A 131 -16.43 -5.86 -11.69
C ARG A 131 -16.62 -5.95 -10.20
N PHE A 132 -17.90 -5.93 -9.74
CA PHE A 132 -18.18 -5.92 -8.32
C PHE A 132 -18.04 -7.27 -7.71
N VAL A 133 -18.13 -8.36 -8.48
CA VAL A 133 -17.79 -9.69 -7.96
C VAL A 133 -16.34 -9.71 -7.56
N TRP A 134 -15.46 -9.23 -8.43
CA TRP A 134 -14.03 -9.27 -8.10
C TRP A 134 -13.77 -8.34 -6.94
N TRP A 135 -14.44 -7.19 -6.88
CA TRP A 135 -14.26 -6.31 -5.69
C TRP A 135 -14.61 -7.05 -4.42
N ALA A 136 -15.67 -7.87 -4.42
CA ALA A 136 -16.06 -8.58 -3.16
C ALA A 136 -15.01 -9.61 -2.79
N ILE A 137 -14.49 -10.42 -3.76
CA ILE A 137 -13.50 -11.40 -3.42
C ILE A 137 -12.25 -10.68 -2.90
N SER A 138 -11.84 -9.58 -3.52
CA SER A 138 -10.64 -8.87 -3.02
C SER A 138 -10.85 -8.31 -1.63
N THR A 139 -12.04 -7.82 -1.35
CA THR A 139 -12.36 -7.29 -0.01
C THR A 139 -12.33 -8.43 1.01
N ALA A 140 -12.82 -9.64 0.63
CA ALA A 140 -12.77 -10.75 1.58
C ALA A 140 -11.29 -11.07 1.89
N ALA A 141 -10.39 -11.05 0.93
CA ALA A 141 -8.98 -11.29 1.23
C ALA A 141 -8.39 -10.16 2.12
N MET A 142 -8.78 -8.89 1.93
CA MET A 142 -8.34 -7.83 2.86
C MET A 142 -8.85 -8.09 4.23
N LEU A 143 -10.14 -8.52 4.43
CA LEU A 143 -10.62 -8.81 5.78
C LEU A 143 -9.83 -9.92 6.45
N TYR A 144 -9.40 -10.94 5.72
CA TYR A 144 -8.54 -11.94 6.33
C TYR A 144 -7.26 -11.30 6.81
N ILE A 145 -6.61 -10.49 6.00
CA ILE A 145 -5.36 -9.84 6.41
C ILE A 145 -5.58 -9.01 7.68
N LEU A 146 -6.67 -8.24 7.74
CA LEU A 146 -6.90 -7.41 8.91
C LEU A 146 -7.19 -8.26 10.16
N TYR A 147 -7.91 -9.39 9.97
CA TYR A 147 -8.14 -10.32 11.10
C TYR A 147 -6.80 -10.86 11.66
N VAL A 148 -5.88 -11.26 10.80
CA VAL A 148 -4.61 -11.78 11.30
C VAL A 148 -3.84 -10.67 12.01
N LEU A 149 -3.84 -9.46 11.46
CA LEU A 149 -3.06 -8.40 12.08
C LEU A 149 -3.60 -8.10 13.48
N PHE A 150 -4.92 -8.35 13.76
CA PHE A 150 -5.47 -8.13 15.13
C PHE A 150 -5.58 -9.35 16.01
N PHE A 151 -5.75 -10.52 15.44
CA PHE A 151 -5.98 -11.70 16.27
C PHE A 151 -4.87 -12.72 16.13
N GLY A 152 -3.88 -12.46 15.29
CA GLY A 152 -2.63 -13.21 15.30
C GLY A 152 -1.48 -12.37 15.83
N PHE A 153 -1.27 -11.20 15.24
CA PHE A 153 -0.06 -10.43 15.53
C PHE A 153 -0.14 -9.73 16.88
N THR A 154 -1.30 -9.12 17.20
CA THR A 154 -1.40 -8.33 18.43
C THR A 154 -1.05 -9.17 19.65
N SER A 155 -1.46 -10.44 19.66
CA SER A 155 -1.22 -11.31 20.82
C SER A 155 0.23 -11.73 20.95
N LYS A 156 1.03 -11.67 19.88
CA LYS A 156 2.45 -12.00 20.00
C LYS A 156 3.29 -10.80 20.42
N ALA A 157 2.99 -9.62 19.86
CA ALA A 157 3.73 -8.41 20.21
C ALA A 157 3.68 -8.14 21.70
N GLU A 158 2.53 -8.41 22.33
CA GLU A 158 2.32 -8.16 23.76
C GLU A 158 3.16 -9.06 24.64
N SER A 159 3.92 -9.99 24.05
CA SER A 159 4.84 -10.84 24.80
C SER A 159 6.30 -10.54 24.49
N MET A 160 6.56 -9.47 23.74
CA MET A 160 7.91 -9.10 23.34
C MET A 160 8.34 -7.81 24.04
N ARG A 161 9.47 -7.26 23.59
CA ARG A 161 9.99 -6.02 24.16
C ARG A 161 8.90 -4.94 24.16
N PRO A 162 8.82 -4.12 25.21
CA PRO A 162 7.78 -3.08 25.25
C PRO A 162 7.85 -2.11 24.10
N GLU A 163 9.06 -1.76 23.63
CA GLU A 163 9.11 -0.85 22.49
C GLU A 163 8.67 -1.51 21.20
N VAL A 164 8.84 -2.82 21.08
CA VAL A 164 8.32 -3.51 19.90
C VAL A 164 6.80 -3.52 20.00
N ALA A 165 6.25 -3.78 21.19
CA ALA A 165 4.79 -3.83 21.27
C ALA A 165 4.15 -2.49 20.97
N SER A 166 4.70 -1.38 21.51
CA SER A 166 4.03 -0.10 21.33
C SER A 166 4.12 0.36 19.90
N THR A 167 5.27 0.12 19.25
CA THR A 167 5.45 0.51 17.86
C THR A 167 4.56 -0.34 16.96
N PHE A 168 4.47 -1.64 17.22
CA PHE A 168 3.56 -2.45 16.40
C PHE A 168 2.14 -1.93 16.52
N LYS A 169 1.67 -1.67 17.75
CA LYS A 169 0.28 -1.26 17.94
C LYS A 169 -0.03 0.01 17.15
N VAL A 170 0.86 0.98 17.19
CA VAL A 170 0.64 2.19 16.38
C VAL A 170 0.59 1.87 14.90
N LEU A 171 1.59 1.12 14.38
CA LEU A 171 1.59 0.85 12.92
C LEU A 171 0.44 -0.04 12.51
N ARG A 172 0.03 -0.97 13.37
N ARG A 172 0.01 -0.96 13.37
CA ARG A 172 -1.17 -1.79 13.06
CA ARG A 172 -1.15 -1.78 13.05
C ARG A 172 -2.39 -0.90 12.91
C ARG A 172 -2.42 -0.94 12.94
N ASN A 173 -2.57 0.06 13.81
CA ASN A 173 -3.77 0.91 13.76
C ASN A 173 -3.74 1.83 12.55
N VAL A 174 -2.54 2.37 12.22
CA VAL A 174 -2.38 3.14 11.01
C VAL A 174 -2.79 2.30 9.80
N THR A 175 -2.27 1.07 9.73
CA THR A 175 -2.50 0.22 8.57
C THR A 175 -3.97 -0.12 8.43
N VAL A 176 -4.68 -0.52 9.51
CA VAL A 176 -6.08 -0.91 9.40
C VAL A 176 -6.95 0.25 8.90
N VAL A 177 -6.73 1.46 9.41
CA VAL A 177 -7.54 2.57 8.97
C VAL A 177 -7.26 2.95 7.53
N LEU A 178 -5.98 3.10 7.16
CA LEU A 178 -5.70 3.57 5.80
C LEU A 178 -6.02 2.49 4.77
N TRP A 179 -5.67 1.22 5.04
CA TRP A 179 -5.95 0.23 3.98
C TRP A 179 -7.45 0.01 3.75
N SER A 180 -8.28 0.17 4.82
N SER A 180 -8.27 0.16 4.81
CA SER A 180 -9.73 -0.02 4.69
CA SER A 180 -9.71 -0.02 4.67
C SER A 180 -10.34 1.03 3.79
C SER A 180 -10.32 1.03 3.75
N ALA A 181 -9.69 2.21 3.63
CA ALA A 181 -10.25 3.21 2.74
C ALA A 181 -10.11 2.87 1.27
N TYR A 182 -9.08 2.12 0.87
CA TYR A 182 -8.89 1.81 -0.58
C TYR A 182 -10.10 1.14 -1.23
N PRO A 183 -10.70 0.08 -0.70
CA PRO A 183 -11.88 -0.48 -1.38
C PRO A 183 -13.02 0.45 -1.48
N VAL A 184 -13.17 1.38 -0.54
CA VAL A 184 -14.27 2.37 -0.62
C VAL A 184 -13.99 3.34 -1.74
N VAL A 185 -12.78 3.84 -1.87
CA VAL A 185 -12.46 4.76 -3.00
C VAL A 185 -12.69 4.10 -4.33
N TRP A 186 -12.27 2.82 -4.48
CA TRP A 186 -12.45 2.14 -5.72
C TRP A 186 -13.94 1.98 -6.04
N LEU A 187 -14.73 1.60 -5.04
CA LEU A 187 -16.15 1.35 -5.27
C LEU A 187 -16.88 2.59 -5.71
N ILE A 188 -16.55 3.77 -5.13
CA ILE A 188 -17.28 5.03 -5.47
C ILE A 188 -16.65 5.76 -6.64
N GLY A 189 -15.42 5.43 -7.06
CA GLY A 189 -14.69 6.14 -8.11
C GLY A 189 -14.88 5.54 -9.50
N SER A 190 -13.97 5.88 -10.36
N SER A 190 -13.95 5.86 -10.38
CA SER A 190 -14.06 5.57 -11.78
CA SER A 190 -14.08 5.56 -11.79
C SER A 190 -14.09 4.08 -12.06
C SER A 190 -13.94 4.08 -12.13
N GLU A 191 -13.45 3.27 -11.23
CA GLU A 191 -13.42 1.83 -11.46
C GLU A 191 -14.69 1.17 -11.10
N GLY A 192 -15.50 1.81 -10.30
CA GLY A 192 -16.72 1.25 -9.72
C GLY A 192 -17.96 1.92 -10.17
N ALA A 193 -18.70 2.50 -9.18
CA ALA A 193 -19.98 3.12 -9.47
C ALA A 193 -19.87 4.48 -10.17
N GLY A 194 -18.71 5.15 -10.16
CA GLY A 194 -18.57 6.36 -10.97
C GLY A 194 -19.16 7.60 -10.35
N ILE A 195 -19.31 7.65 -9.03
CA ILE A 195 -19.96 8.79 -8.31
C ILE A 195 -18.93 9.90 -8.13
N VAL A 196 -17.70 9.57 -7.78
CA VAL A 196 -16.61 10.53 -7.56
C VAL A 196 -15.80 10.60 -8.85
N PRO A 197 -15.50 11.80 -9.39
CA PRO A 197 -14.73 11.88 -10.64
C PRO A 197 -13.27 11.43 -10.48
N LEU A 198 -12.67 11.07 -11.61
CA LEU A 198 -11.27 10.60 -11.60
C LEU A 198 -10.31 11.58 -10.98
N ASN A 199 -10.47 12.89 -11.15
N ASN A 199 -10.53 12.87 -11.21
CA ASN A 199 -9.53 13.85 -10.58
CA ASN A 199 -9.63 13.92 -10.64
C ASN A 199 -9.55 13.83 -9.06
C ASN A 199 -9.59 13.76 -9.12
N ILE A 200 -10.75 13.69 -8.45
CA ILE A 200 -10.80 13.61 -7.00
C ILE A 200 -10.36 12.23 -6.54
N GLU A 201 -10.72 11.16 -7.26
CA GLU A 201 -10.26 9.83 -6.91
C GLU A 201 -8.72 9.83 -6.88
N THR A 202 -8.09 10.46 -7.84
CA THR A 202 -6.62 10.44 -7.90
C THR A 202 -6.04 11.17 -6.70
N LEU A 203 -6.60 12.33 -6.34
CA LEU A 203 -6.22 12.99 -5.08
C LEU A 203 -6.36 12.09 -3.85
N LEU A 204 -7.45 11.39 -3.73
CA LEU A 204 -7.68 10.50 -2.57
C LEU A 204 -6.62 9.39 -2.53
N PHE A 205 -6.36 8.74 -3.63
CA PHE A 205 -5.35 7.68 -3.57
C PHE A 205 -3.97 8.28 -3.31
N MET A 206 -3.65 9.51 -3.76
CA MET A 206 -2.35 10.10 -3.48
C MET A 206 -2.18 10.32 -1.98
N VAL A 207 -3.21 10.89 -1.31
CA VAL A 207 -3.11 11.10 0.12
C VAL A 207 -2.98 9.77 0.84
N LEU A 208 -3.77 8.77 0.43
CA LEU A 208 -3.64 7.48 1.11
C LEU A 208 -2.28 6.85 0.89
N ASP A 209 -1.77 6.89 -0.31
CA ASP A 209 -0.48 6.21 -0.66
C ASP A 209 0.66 6.87 0.06
N VAL A 210 0.67 8.21 0.14
CA VAL A 210 1.83 8.85 0.81
C VAL A 210 1.72 8.57 2.28
N SER A 211 0.51 8.60 2.84
CA SER A 211 0.36 8.32 4.30
C SER A 211 0.78 6.88 4.61
N ALA A 212 0.37 5.89 3.77
CA ALA A 212 0.58 4.48 4.09
C ALA A 212 1.94 4.04 3.80
N LYS A 213 2.74 4.87 3.09
CA LYS A 213 4.11 4.47 2.72
C LYS A 213 5.11 5.40 3.41
N VAL A 214 5.07 6.71 3.12
CA VAL A 214 6.06 7.60 3.73
C VAL A 214 5.70 7.86 5.17
N GLY A 215 4.41 8.09 5.48
CA GLY A 215 3.99 8.30 6.90
C GLY A 215 4.30 7.06 7.76
N PHE A 216 3.92 5.87 7.29
CA PHE A 216 4.24 4.66 7.99
C PHE A 216 5.72 4.51 8.16
N GLY A 217 6.52 4.77 7.14
CA GLY A 217 7.96 4.61 7.29
C GLY A 217 8.62 5.61 8.25
N LEU A 218 8.12 6.86 8.29
CA LEU A 218 8.65 7.78 9.27
C LEU A 218 8.41 7.29 10.68
N ILE A 219 7.25 6.73 10.96
CA ILE A 219 6.99 6.19 12.30
C ILE A 219 7.91 5.03 12.61
N LEU A 220 8.06 4.08 11.70
CA LEU A 220 8.85 2.88 11.98
C LEU A 220 10.32 3.20 12.12
N LEU A 221 10.86 4.02 11.23
CA LEU A 221 12.32 4.17 11.19
C LEU A 221 12.82 5.14 12.23
N ARG A 222 11.93 5.84 12.94
N ARG A 222 11.93 5.83 12.93
CA ARG A 222 12.36 6.61 14.11
CA ARG A 222 12.32 6.62 14.10
C ARG A 222 12.33 5.77 15.38
C ARG A 222 12.21 5.81 15.38
N SER A 223 11.83 4.55 15.32
CA SER A 223 11.55 3.76 16.52
C SER A 223 12.79 3.00 16.97
N ARG A 224 12.92 2.80 18.30
CA ARG A 224 13.98 1.94 18.81
C ARG A 224 13.73 0.47 18.54
N ALA A 225 12.52 0.11 18.11
CA ALA A 225 12.15 -1.28 17.97
C ALA A 225 12.87 -1.94 16.81
N ILE A 226 13.44 -1.15 15.91
CA ILE A 226 14.03 -1.82 14.73
C ILE A 226 15.45 -2.26 15.01
N PHE A 227 16.02 -1.90 16.18
CA PHE A 227 17.35 -2.35 16.52
C PHE A 227 17.33 -3.52 17.48
N GLY A 228 18.29 -4.40 17.30
CA GLY A 228 18.45 -5.46 18.28
C GLY A 228 18.77 -4.87 19.65
N GLU A 229 18.37 -5.59 20.69
CA GLU A 229 18.77 -5.19 22.04
C GLU A 229 20.27 -5.42 22.22
N ALA A 230 21.01 -4.36 22.51
CA ALA A 230 22.44 -4.53 22.71
C ALA A 230 22.93 -3.47 23.68
N GLU A 231 24.06 -3.77 24.32
CA GLU A 231 24.69 -2.85 25.24
C GLU A 231 25.49 -1.77 24.48
C52 LI1 B . -21.51 -8.69 -4.82
C53 LI1 B . -22.07 -8.31 -6.20
C55 LI1 B . -22.75 -6.95 -6.27
C56 LI1 B . -23.24 -6.61 -7.68
C57 LI1 B . -24.26 -5.48 -7.79
C58 LI1 B . -24.61 -5.09 -9.22
C46 LI1 C . -22.63 -14.92 -12.54
C47 LI1 C . -21.93 -15.94 -11.65
C48 LI1 C . -21.45 -15.42 -10.30
C49 LI1 C . -20.74 -14.10 -10.54
C50 LI1 C . -20.42 -16.42 -9.80
C51 LI1 C . -19.90 -16.19 -8.39
C52 LI1 C . -19.56 -17.47 -7.65
C53 LI1 C . -19.20 -17.28 -6.19
C55 LI1 C . -18.72 -15.88 -5.87
C56 LI1 C . -18.48 -15.66 -4.39
C57 LI1 C . -18.30 -14.18 -4.01
C58 LI1 C . -18.22 -13.91 -2.51
C59 LI1 C . -18.90 -14.99 -1.69
C60 LI1 C . -16.81 -13.72 -2.03
H461 LI1 C . -23.24 -14.38 -12.02
H462 LI1 C . -21.96 -14.32 -12.92
H471 LI1 C . -22.54 -16.68 -11.51
H472 LI1 C . -21.16 -16.30 -12.14
H48 LI1 C . -22.18 -15.31 -9.67
C50 LI1 D . 7.20 17.06 -11.66
C51 LI1 D . 7.45 15.63 -11.21
C52 LI1 D . 8.23 15.49 -9.93
C53 LI1 D . 9.73 15.34 -10.13
C55 LI1 D . 10.44 14.55 -9.03
C56 LI1 D . 11.58 15.29 -8.35
C57 LI1 D . 11.25 15.84 -6.95
C58 LI1 D . 11.90 15.11 -5.77
C45 LI1 E . 4.44 -6.34 -25.44
C46 LI1 E . 4.84 -7.56 -24.61
C47 LI1 E . 5.38 -7.23 -23.23
C48 LI1 E . 5.54 -8.43 -22.30
C50 LI1 E . 6.23 -8.07 -20.98
C51 LI1 E . 7.49 -8.84 -20.71
C52 LI1 E . 7.87 -9.02 -19.25
C53 LI1 E . 7.53 -10.40 -18.68
C55 LI1 E . 8.26 -10.71 -17.38
C56 LI1 E . 7.41 -11.43 -16.32
C57 LI1 E . 6.69 -12.68 -16.82
C58 LI1 E . 6.39 -13.75 -15.78
H451 LI1 E . 3.57 -6.50 -25.83
H452 LI1 E . 4.34 -5.59 -24.83
H461 LI1 E . 5.50 -8.06 -25.11
H462 LI1 E . 4.05 -8.13 -24.53
C45 LI1 F . -11.65 -6.52 24.89
C46 LI1 F . -12.02 -7.29 23.63
C47 LI1 F . -11.09 -7.06 22.44
C48 LI1 F . -11.59 -7.61 21.09
C50 LI1 F . -12.62 -6.68 20.45
C51 LI1 F . -13.47 -7.32 19.36
C52 LI1 F . -13.41 -6.59 18.02
C53 LI1 F . -14.28 -7.21 16.93
C55 LI1 F . -15.28 -6.25 16.31
C56 LI1 F . -15.89 -6.76 15.01
C57 LI1 F . -16.30 -5.65 14.04
C58 LI1 F . -17.13 -6.09 12.84
C59 LI1 F . -16.99 -5.09 11.68
H451 LI1 F . -10.71 -6.69 25.10
H452 LI1 F . -11.72 -5.57 24.70
H461 LI1 F . -12.05 -8.24 23.84
H462 LI1 F . -12.92 -7.03 23.37
H471 LI1 F . -10.23 -7.46 22.65
H472 LI1 F . -10.94 -6.10 22.36
C46 LI1 G . -8.36 1.12 15.59
C47 LI1 G . -9.47 0.18 15.13
C48 LI1 G . -9.79 0.24 13.63
C50 LI1 G . -10.85 1.30 13.36
C51 LI1 G . -11.48 1.26 11.98
C52 LI1 G . -12.11 2.59 11.59
C53 LI1 G . -13.12 2.47 10.46
C55 LI1 G . -12.69 1.53 9.36
C56 LI1 G . -12.84 2.12 7.97
C57 LI1 G . -12.43 3.58 7.91
C58 LI1 G . -12.95 4.29 6.67
C59 LI1 G . -13.78 3.33 5.83
C60 LI1 G . -11.81 4.85 5.86
H461 LI1 G . -8.53 2.01 15.27
H462 LI1 G . -8.37 1.13 16.56
H471 LI1 G . -10.26 0.39 15.64
H472 LI1 G . -9.21 -0.73 15.36
C18 OLC H . 14.07 12.50 -7.51
C10 OLC H . 16.26 4.42 -8.14
C9 OLC H . 16.87 3.55 -7.35
C17 OLC H . 14.72 11.25 -6.88
C11 OLC H . 14.73 4.56 -8.33
C8 OLC H . 16.93 2.33 -6.38
C24 OLC H . 21.24 -1.99 2.96
C16 OLC H . 14.06 10.00 -7.48
C12 OLC H . 14.23 5.56 -7.26
C7 OLC H . 17.88 2.78 -5.25
C15 OLC H . 13.78 8.92 -6.40
C13 OLC H . 14.68 6.99 -7.67
C6 OLC H . 17.94 1.79 -4.05
C14 OLC H . 14.90 7.85 -6.41
C5 OLC H . 16.58 1.31 -3.50
C4 OLC H . 16.96 0.25 -2.42
C3 OLC H . 17.55 0.96 -1.17
C2 OLC H . 17.57 -0.12 -0.07
C21 OLC H . 19.53 -0.19 3.17
C1 OLC H . 18.24 0.34 1.24
C22 OLC H . 20.12 -1.44 3.86
O19 OLC H . 18.13 1.43 1.64
O25 OLC H . 22.05 -2.96 3.59
O23 OLC H . 20.65 -1.02 5.10
O20 OLC H . 18.93 -0.63 1.98
H18 OLC H . 13.02 12.52 -7.28
H18A OLC H . 14.55 13.39 -7.12
H18B OLC H . 14.21 12.47 -8.59
H10 OLC H . 16.22 5.40 -7.65
H9 OLC H . 15.91 3.35 -6.90
H17 OLC H . 14.56 11.26 -5.80
H17A OLC H . 15.78 11.24 -7.09
H11 OLC H . 14.50 4.93 -9.34
H11A OLC H . 14.24 3.59 -8.19
H8 OLC H . 17.33 1.46 -6.89
H8A OLC H . 15.94 2.12 -5.99
H24 OLC H . 21.88 -1.17 2.66
H24A OLC H . 20.78 -2.44 2.08
H16 OLC H . 13.13 10.28 -7.95
H16A OLC H . 14.75 9.57 -8.23
H12 OLC H . 13.15 5.53 -7.20
H12A OLC H . 14.65 5.30 -6.29
H7 OLC H . 18.89 2.87 -5.66
H7A OLC H . 17.54 3.75 -4.89
H15 OLC H . 12.83 8.43 -6.62
H15A OLC H . 13.73 9.38 -5.43
H13 OLC H . 13.91 7.44 -8.29
H13A OLC H . 15.61 6.93 -8.23
H6 OLC H . 18.50 0.92 -4.37
H6A OLC H . 18.47 2.30 -3.24
H14 OLC H . 14.84 7.24 -5.52
H14A OLC H . 15.87 8.34 -6.46
H5 OLC H . 15.98 0.86 -4.29
H5A OLC H . 16.02 2.14 -3.05
H4 OLC H . 16.07 -0.30 -2.13
H4A OLC H . 17.70 -0.43 -2.83
H3 OLC H . 18.56 1.32 -1.38
H3A OLC H . 16.91 1.79 -0.87
H2 OLC H . 16.55 -0.41 0.14
H2A OLC H . 18.13 -0.97 -0.45
H21 OLC H . 18.79 0.27 3.81
H21A OLC H . 20.32 0.52 2.94
H22 OLC H . 19.37 -2.21 4.02
HO25 OLC H . 22.94 -2.86 3.33
HO23 OLC H . 20.30 -1.58 5.79
C18 OLC I . 11.43 -7.74 -2.64
C10 OLC I . 9.58 -2.05 -10.61
C9 OLC I . 9.10 -1.54 -11.76
C17 OLC I . 10.87 -7.76 -4.08
C11 OLC I . 9.48 -3.51 -10.16
C8 OLC I . 8.39 -1.57 -13.14
C24 OLC I . 0.78 -2.08 -21.60
C16 OLC I . 11.32 -6.50 -4.85
C12 OLC I . 9.99 -3.64 -8.71
C7 OLC I . 7.12 -2.45 -13.21
C15 OLC I . 10.57 -6.44 -6.20
C13 OLC I . 10.13 -5.13 -8.32
C6 OLC I . 6.62 -2.34 -14.67
C14 OLC I . 11.01 -5.23 -7.03
C5 OLC I . 5.46 -3.33 -15.02
C4 OLC I . 5.70 -3.88 -16.45
C3 OLC I . 4.39 -3.95 -17.28
C2 OLC I . 4.77 -3.80 -18.78
C21 OLC I . 2.02 -4.30 -21.37
C1 OLC I . 3.70 -4.41 -19.70
C22 OLC I . 1.27 -3.35 -22.33
O19 OLC I . 3.61 -5.60 -19.79
O25 OLC I . -0.55 -2.27 -21.14
O23 OLC I . 2.13 -2.95 -23.37
O20 OLC I . 2.85 -3.58 -20.45
H18 OLC I . 10.99 -8.56 -2.07
H18A OLC I . 12.51 -7.84 -2.67
H18B OLC I . 11.18 -6.79 -2.17
H10 OLC I . 10.65 -2.21 -10.70
H9 OLC I . 9.10 -2.53 -12.17
H17 OLC I . 11.25 -8.65 -4.59
H17A OLC I . 9.79 -7.79 -4.04
H11 OLC I . 8.45 -3.84 -10.22
H11A OLC I . 10.10 -4.13 -10.82
H8 OLC I . 9.10 -1.94 -13.87
H8A OLC I . 8.10 -0.54 -13.39
H24 OLC I . 0.79 -1.24 -22.29
H24A OLC I . 1.42 -1.87 -20.76
H16 OLC I . 11.09 -5.61 -4.26
H16A OLC I . 12.39 -6.54 -5.02
H12 OLC I . 10.96 -3.15 -8.62
H12A OLC I . 9.28 -3.17 -8.04
H7 OLC I . 7.37 -3.49 -12.97
H7A OLC I . 6.37 -2.09 -12.52
H15 OLC I . 9.50 -6.36 -6.01
H15A OLC I . 10.77 -7.36 -6.76
H13 OLC I . 10.61 -5.68 -9.13
H13A OLC I . 9.15 -5.56 -8.12
H6 OLC I . 6.26 -1.33 -14.85
H6A OLC I . 7.45 -2.55 -15.35
H14 OLC I . 12.05 -5.35 -7.33
H14A OLC I . 10.90 -4.32 -6.45
H5 OLC I . 5.47 -4.16 -14.31
H5A OLC I . 4.51 -2.82 -14.96
H4 OLC I . 6.40 -3.21 -16.97
H4A OLC I . 6.13 -4.88 -16.39
H3 OLC I . 3.90 -4.92 -17.12
H3A OLC I . 3.72 -3.16 -16.98
H2 OLC I . 4.86 -2.74 -19.00
H2A OLC I . 5.72 -4.29 -18.96
H21 OLC I . 1.30 -4.88 -20.82
H21A OLC I . 2.65 -4.97 -21.97
H22 OLC I . 0.42 -3.89 -22.72
HO25 OLC I . -1.11 -1.63 -21.53
HO23 OLC I . 2.97 -3.36 -23.26
C18 OLC J . -2.10 16.19 6.53
C10 OLC J . -8.53 15.29 0.68
C9 OLC J . -9.86 15.33 0.58
C17 OLC J . -2.52 17.66 6.33
C11 OLC J . -7.65 15.03 1.94
C8 OLC J . -11.20 15.53 -0.18
C24 OLC J . -20.22 19.49 -7.19
C16 OLC J . -3.27 17.84 4.98
C12 OLC J . -7.42 16.43 2.58
C7 OLC J . -11.32 17.03 -0.67
C15 OLC J . -4.80 17.72 5.18
C13 OLC J . -6.48 16.33 3.83
C6 OLC J . -11.46 16.99 -2.20
C14 OLC J . -5.45 17.51 3.78
C5 OLC J . -11.87 18.38 -2.70
C4 OLC J . -13.43 18.42 -2.81
C3 OLC J . -13.88 18.67 -4.27
C2 OLC J . -15.28 18.03 -4.49
C21 OLC J . -17.87 19.87 -6.51
C1 OLC J . -16.21 19.06 -5.16
C22 OLC J . -18.78 19.66 -7.71
O19 OLC J . -16.30 20.15 -4.67
O25 OLC J . -20.24 18.43 -6.26
O23 OLC J . -18.68 20.78 -8.54
O20 OLC J . -16.99 18.79 -6.30
H18 OLC J . -1.51 16.09 7.44
H18A OLC J . -2.99 15.56 6.60
H18B OLC J . -1.50 15.86 5.68
H10 OLC J . -8.14 16.30 0.72
H9 OLC J . -9.72 15.23 -0.48
H17 OLC J . -3.17 17.95 7.13
H17A OLC J . -1.63 18.29 6.32
H11 OLC J . -8.17 14.37 2.63
H11A OLC J . -6.71 14.57 1.65
H8 OLC J . -12.04 15.30 0.46
H8A OLC J . -11.22 14.87 -1.05
H24 OLC J . -20.89 19.27 -8.01
H24A OLC J . -20.54 20.42 -6.71
H16 OLC J . -3.03 18.82 4.57
H16A OLC J . -2.93 17.06 4.28
H12 OLC J . -6.97 17.09 1.84
H12A OLC J . -8.38 16.83 2.90
H7 OLC J . -12.20 17.51 -0.23
H7A OLC J . -10.42 17.59 -0.39
H15 OLC J . -5.19 18.62 5.64
H15A OLC J . -5.02 16.86 5.82
H13 OLC J . -5.96 15.38 3.82
H13A OLC J . -7.08 16.42 4.74
H6 OLC J . -10.50 16.70 -2.65
H6A OLC J . -12.22 16.25 -2.48
H14 OLC J . -4.67 17.26 3.05
H14A OLC J . -5.95 18.42 3.47
H5 OLC J . -11.43 18.57 -3.68
H5A OLC J . -11.53 19.14 -2.00
H4 OLC J . -13.82 17.46 -2.46
H4A OLC J . -13.81 19.21 -2.17
H3 OLC J . -13.95 19.74 -4.45
H3A OLC J . -13.16 18.23 -4.96
H2 OLC J . -15.18 17.15 -5.14
H2A OLC J . -15.70 17.72 -3.54
H21 OLC J . -17.28 20.77 -6.68
H21A OLC J . -18.49 20.00 -5.62
H22 OLC J . -18.51 18.76 -8.28
HO25 OLC J . -19.69 17.73 -6.57
HO23 OLC J . -19.03 21.53 -8.09
C18 OLC K . 4.18 -11.10 -6.36
C10 OLC K . 7.69 -11.89 -0.29
C9 OLC K . 7.47 -12.89 0.61
C17 OLC K . 3.69 -11.25 -4.91
C11 OLC K . 7.88 -10.38 -0.11
C8 OLC K . 7.24 -13.57 1.98
C24 OLC K . 15.11 -15.51 9.81
C16 OLC K . 4.74 -12.03 -4.10
C12 OLC K . 7.07 -9.62 -1.20
C7 OLC K . 7.78 -15.02 1.92
C15 OLC K . 6.18 -11.43 -4.18
C13 OLC K . 7.53 -9.81 -2.69
C6 OLC K . 8.25 -15.54 3.32
C14 OLC K . 6.28 -9.98 -3.62
C5 OLC K . 9.46 -14.74 3.87
C4 OLC K . 9.34 -14.61 5.42
C3 OLC K . 10.69 -14.96 6.12
C2 OLC K . 10.88 -14.11 7.41
C21 OLC K . 13.29 -16.00 8.15
C1 OLC K . 11.22 -14.98 8.64
C22 OLC K . 14.79 -15.74 8.33
O19 OLC K . 10.37 -15.53 9.28
O25 OLC K . 16.39 -14.94 9.95
O23 OLC K . 15.50 -16.86 7.83
O20 OLC K . 12.56 -15.15 9.03
H18 OLC K . 4.99 -10.40 -6.40
H18A OLC K . 4.52 -12.08 -6.73
H18B OLC K . 3.36 -10.76 -7.00
H10 OLC K . 6.74 -11.63 -0.75
H9 OLC K . 7.08 -12.19 1.34
H17 OLC K . 2.74 -11.77 -4.90
H17A OLC K . 3.56 -10.25 -4.49
H11 OLC K . 7.52 -10.08 0.88
H11A OLC K . 8.94 -10.13 -0.19
H8 OLC K . 6.17 -13.59 2.21
H8A OLC K . 7.76 -13.02 2.76
H24 OLC K . 15.08 -16.46 10.35
H24A OLC K . 14.37 -14.83 10.24
H16 OLC K . 4.43 -12.04 -3.05
H16A OLC K . 4.77 -13.05 -4.46
H12 OLC K . 6.04 -9.96 -1.14
H12A OLC K . 7.12 -8.56 -0.97
H7 OLC K . 6.98 -15.68 1.55
H7A OLC K . 8.62 -15.05 1.23
H15 OLC K . 6.49 -11.42 -5.23
H15A OLC K . 6.86 -12.07 -3.61
H13 OLC K . 8.15 -10.70 -2.76
H13A OLC K . 8.10 -8.94 -3.00
H6 OLC K . 7.42 -15.44 4.02
H6A OLC K . 8.53 -16.58 3.22
H14 OLC K . 5.39 -9.75 -3.06
H14A OLC K . 6.37 -9.28 -4.46
H5 OLC K . 10.38 -15.26 3.62
H5A OLC K . 9.47 -13.75 3.42
H4 OLC K . 9.07 -13.59 5.67
H4A OLC K . 8.57 -15.29 5.78
H3 OLC K . 10.69 -16.02 6.38
H3A OLC K . 11.52 -14.76 5.43
H2 OLC K . 11.68 -13.40 7.25
H2A OLC K . 9.95 -13.57 7.61
H21 OLC K . 13.01 -15.78 7.12
H21A OLC K . 13.07 -17.04 8.37
H22 OLC K . 15.10 -14.85 7.78
HO25 OLC K . 17.01 -15.41 9.40
HO23 OLC K . 15.81 -17.38 8.56
C18 OLC L . -14.03 -3.14 7.98
C10 OLC L . -19.59 -0.47 2.45
C9 OLC L . -20.63 -0.11 1.70
C17 OLC L . -13.44 -1.93 7.21
C11 OLC L . -18.36 -1.27 2.02
C8 OLC L . -21.43 -0.04 0.38
C24 OLC L . -26.65 8.66 -6.69
C16 OLC L . -13.47 -2.16 5.67
C12 OLC L . -17.34 -1.28 3.19
C7 OLC L . -22.35 1.21 0.29
C15 OLC L . -14.91 -2.23 5.11
C13 OLC L . -16.20 -2.32 2.93
C6 OLC L . -22.99 1.12 -1.13
C14 OLC L . -14.88 -1.84 3.60
C5 OLC L . -23.36 2.50 -1.73
C4 OLC L . -23.24 2.43 -3.29
C3 OLC L . -24.55 2.91 -3.98
C2 OLC L . -24.17 3.63 -5.31
C21 OLC L . -26.00 6.23 -6.83
C1 OLC L . -25.41 4.04 -6.13
C22 OLC L . -25.62 7.61 -6.27
O19 OLC L . -25.82 3.37 -7.04
O25 OLC L . -26.10 9.95 -6.52
O23 OLC L . -25.54 7.56 -4.87
O20 OLC L . -26.05 5.25 -5.79
H18 OLC L . -13.93 -2.98 9.05
H18A OLC L . -15.09 -3.24 7.73
H18B OLC L . -13.51 -4.05 7.70
H10 OLC L . -18.91 0.38 2.57
H9 OLC L . -19.99 -0.30 0.83
H17 OLC L . -12.41 -1.79 7.52
H17A OLC L . -14.02 -1.04 7.44
H11 OLC L . -17.92 -0.81 1.13
H11A OLC L . -18.67 -2.29 1.78
H8 OLC L . -22.05 -0.94 0.30
H8A OLC L . -20.73 -0.02 -0.45
H24 OLC L . -27.54 8.56 -6.08
H24A OLC L . -26.91 8.51 -7.74
H16 OLC L . -12.96 -3.11 5.45
H16A OLC L . -12.93 -1.35 5.18
H12 OLC L . -16.90 -0.29 3.28
H12A OLC L . -17.86 -1.54 4.12
H7 OLC L . -23.12 1.18 1.06
H7A OLC L . -21.77 2.12 0.39
H15 OLC L . -15.53 -1.53 5.65
H15A OLC L . -15.30 -3.23 5.22
H13 OLC L . -16.05 -2.42 1.86
H13A OLC L . -16.49 -3.27 3.35
H6 OLC L . -22.29 0.63 -1.80
H6A OLC L . -23.90 0.52 -1.07
H14 OLC L . -14.03 -2.32 3.11
H14A OLC L . -14.78 -0.76 3.49
H5 OLC L . -22.69 3.26 -1.35
H5A OLC L . -24.39 2.76 -1.46
H4 OLC L . -22.41 3.06 -3.61
H4A OLC L . -23.03 1.40 -3.58
H3 OLC L . -25.18 2.05 -4.21
H3A OLC L . -25.08 3.59 -3.32
H2 OLC L . -23.60 4.53 -5.06
H2A OLC L . -23.56 2.97 -5.90
H21 OLC L . -26.98 6.29 -7.31
H21A OLC L . -25.26 5.92 -7.56
H22 OLC L . -24.65 7.89 -6.65
HO25 OLC L . -25.17 9.89 -6.46
HO23 OLC L . -25.85 6.71 -4.56
C45 LI1 M . 5.66 10.90 13.27
C46 LI1 M . 5.25 10.94 11.80
C47 LI1 M . 4.60 12.25 11.41
C48 LI1 M . 3.08 12.19 11.21
C50 LI1 M . 2.75 11.79 9.76
C51 LI1 M . 2.47 10.29 9.58
C52 LI1 M . 1.03 9.89 9.92
C53 LI1 M . 0.41 8.89 8.96
C55 LI1 M . -0.82 9.42 8.24
C56 LI1 M . -1.95 9.84 9.15
H451 LI1 M . 5.99 10.00 13.50
H452 LI1 M . 4.87 11.05 13.81
H461 LI1 M . 6.04 10.79 11.25
H462 LI1 M . 4.64 10.21 11.63
H471 LI1 M . 5.02 12.56 10.59
H472 LI1 M . 4.80 12.90 12.09
C45 LI1 N . 10.82 13.54 11.10
C46 LI1 N . 11.63 14.25 10.01
C47 LI1 N . 10.77 14.85 8.89
C48 LI1 N . 11.21 14.47 7.47
C50 LI1 N . 10.06 14.63 6.47
C51 LI1 N . 10.08 13.63 5.31
C52 LI1 N . 9.67 14.21 3.96
C53 LI1 N . 8.33 13.72 3.44
C55 LI1 N . 7.37 13.26 4.53
C56 LI1 N . 5.87 13.34 4.16
C57 LI1 N . 4.93 12.89 5.30
C58 LI1 N . 3.47 12.68 4.93
C59 LI1 N . 2.62 12.38 6.16
H451 LI1 N . 10.42 12.74 10.73
H452 LI1 N . 10.09 14.12 11.38
H461 LI1 N . 12.25 13.61 9.64
H462 LI1 N . 12.15 14.96 10.44
H471 LI1 N . 10.78 15.81 8.99
H472 LI1 N . 9.86 14.57 9.03
C50 LI1 O . 3.32 20.07 -8.47
C51 LI1 O . 4.65 19.75 -9.12
C52 LI1 O . 5.68 19.22 -8.14
C53 LI1 O . 6.10 20.26 -7.12
C55 LI1 O . 6.57 19.65 -5.80
C56 LI1 O . 6.09 20.39 -4.55
C57 LI1 O . 6.57 19.76 -3.24
C58 LI1 O . 5.93 20.32 -1.97
C46 LI1 P . 0.45 14.74 2.24
C47 LI1 P . -0.65 14.81 1.17
C48 LI1 P . -1.10 16.22 0.77
C50 LI1 P . -0.02 16.98 -0.01
C51 LI1 P . 0.41 18.31 0.60
C52 LI1 P . 1.15 19.23 -0.37
C53 LI1 P . 1.84 20.42 0.31
C55 LI1 P . 2.82 21.15 -0.60
C56 LI1 P . 2.19 21.77 -1.85
C57 LI1 P . 3.20 22.17 -2.92
C58 LI1 P . 2.82 23.34 -3.80
C59 LI1 P . 1.33 23.39 -4.07
C60 LI1 P . 3.60 23.36 -5.10
C45 LI1 Q . -9.92 -18.39 10.83
C46 LI1 Q . -10.05 -17.22 9.87
C47 LI1 Q . -11.05 -16.18 10.34
C48 LI1 Q . -12.22 -15.92 9.40
C50 LI1 Q . -12.80 -14.51 9.61
C51 LI1 Q . -12.25 -13.43 8.67
C52 LI1 Q . -12.99 -12.10 8.77
C53 LI1 Q . -12.63 -11.26 9.99
C55 LI1 Q . -13.27 -9.87 10.01
C56 LI1 Q . -12.27 -8.73 10.05
C57 LI1 Q . -11.81 -8.35 11.46
C58 LI1 Q . -11.21 -6.95 11.60
C59 LI1 Q . -10.67 -6.74 13.01
H451 LI1 Q . -9.75 -18.06 11.72
H452 LI1 Q . -10.79 -18.83 10.84
H461 LI1 Q . -10.32 -17.56 9.00
H462 LI1 Q . -9.18 -16.81 9.77
H471 LI1 Q . -10.57 -15.35 10.50
H472 LI1 Q . -11.39 -16.47 11.21
C52 LI1 R . 18.40 14.85 4.21
C53 LI1 R . 18.63 15.15 2.72
C55 LI1 R . 18.00 14.10 1.83
C56 LI1 R . 16.50 14.27 1.56
C57 LI1 R . 16.30 14.88 0.18
C58 LI1 R . 17.43 15.78 -0.29
C1 RET S . -8.54 -2.66 -4.17
C2 RET S . -9.84 -2.84 -4.98
C3 RET S . -11.03 -3.56 -4.49
C4 RET S . -10.90 -4.26 -3.16
C5 RET S . -9.73 -3.90 -2.33
C6 RET S . -8.66 -3.21 -2.74
C7 RET S . -7.63 -2.85 -1.76
C8 RET S . -6.38 -2.22 -1.92
C9 RET S . -5.43 -1.96 -0.90
C10 RET S . -4.38 -1.12 -1.27
C11 RET S . -3.41 -0.64 -0.49
C12 RET S . -2.43 0.17 -1.03
C13 RET S . -1.26 0.62 -0.35
C14 RET S . -0.39 1.37 -1.15
C15 RET S . 0.91 1.55 -0.88
C16 RET S . -8.44 -1.12 -4.19
C17 RET S . -7.33 -3.31 -4.91
C18 RET S . -9.79 -4.60 -0.97
C19 RET S . -5.69 -2.35 0.54
C20 RET S . -1.05 0.32 1.11
H21 RET S . -10.16 -1.94 -5.23
H22 RET S . -9.60 -3.28 -5.83
H31 RET S . -11.28 -4.23 -5.15
H32 RET S . -11.77 -2.93 -4.43
H41 RET S . -10.88 -5.23 -3.31
H42 RET S . -11.71 -4.07 -2.63
H7 RET S . -7.71 -3.40 -0.96
H8 RET S . -6.32 -1.62 -2.69
H10 RET S . -4.34 -0.85 -2.20
H11 RET S . -3.21 -1.13 0.33
H12 RET S . -2.54 0.46 -1.96
H14 RET S . -0.71 1.81 -1.97
H15 RET S . 1.26 1.21 -0.04
H161 RET S . -8.42 -0.78 -5.11
H162 RET S . -9.19 -0.71 -3.74
H163 RET S . -7.63 -0.80 -3.75
H171 RET S . -6.49 -3.06 -4.48
H172 RET S . -7.30 -3.00 -5.84
H173 RET S . -7.41 -4.28 -4.91
H181 RET S . -10.69 -4.89 -0.74
H182 RET S . -9.50 -4.04 -0.23
H183 RET S . -9.24 -5.40 -0.92
H191 RET S . -5.05 -1.91 1.13
H192 RET S . -6.60 -2.08 0.81
H193 RET S . -5.61 -3.32 0.65
H201 RET S . -0.82 -0.62 1.25
H202 RET S . -0.32 0.87 1.49
H203 RET S . -1.86 0.50 1.63
#